data_7S2I
#
_entry.id   7S2I
#
_cell.length_a   186.568
_cell.length_b   186.568
_cell.length_c   186.568
_cell.angle_alpha   90.000
_cell.angle_beta   90.000
_cell.angle_gamma   90.000
#
_symmetry.space_group_name_H-M   'P 41 3 2'
#
loop_
_entity.id
_entity.type
_entity.pdbx_description
1 polymer Sul1
2 non-polymer 6-HYDROXYMETHYLPTERIN
3 non-polymer GLYCEROL
4 non-polymer 'SULFATE ION'
5 non-polymer 'CHLORIDE ION'
6 water water
#
_entity_poly.entity_id   1
_entity_poly.type   'polypeptide(L)'
_entity_poly.pdbx_seq_one_letter_code
;MVTVFGILNLTEDSFFDESRRLDPAGAVTAAIEMLRVGSDVVDVGPAASHPDARPVSPADEIRRIAPLLDALSDQMHRVS
IDSFQPETQRYALKRGVGYLNDIQGFPDPALYPDIAEADCRLVVMHSAQRDGIATRTGHLRPEDALDEIVRFFEARVSAL
RRSGVAADRLILDPGMGFFLSPAPETSLHVLSNLQKLKSALGLPLLVSVSRKSFLGATVGLPVKDLGPASLAAELHAIGN
GADYVRTHAPGDLRSAITFSETLAKFRSRDARDRGLDHA
;
_entity_poly.pdbx_strand_id   A,B
#
loop_
_chem_comp.id
_chem_comp.type
_chem_comp.name
_chem_comp.formula
CL non-polymer 'CHLORIDE ION' 'Cl -1'
GOL non-polymer GLYCEROL 'C3 H8 O3'
HHR non-polymer 6-HYDROXYMETHYLPTERIN 'C7 H7 N5 O2'
SO4 non-polymer 'SULFATE ION' 'O4 S -2'
#
# COMPACT_ATOMS: atom_id res chain seq x y z
N MET A 1 -21.20 -26.29 -4.37
CA MET A 1 -20.58 -25.39 -5.33
C MET A 1 -20.20 -24.07 -4.68
N VAL A 2 -18.95 -23.65 -4.89
CA VAL A 2 -18.47 -22.37 -4.40
C VAL A 2 -18.09 -21.48 -5.58
N THR A 3 -18.49 -20.23 -5.50
CA THR A 3 -18.05 -19.20 -6.45
C THR A 3 -17.02 -18.31 -5.76
N VAL A 4 -15.86 -18.18 -6.38
CA VAL A 4 -14.71 -17.51 -5.79
C VAL A 4 -14.58 -16.10 -6.38
N PHE A 5 -14.68 -15.07 -5.53
CA PHE A 5 -14.42 -13.69 -5.90
C PHE A 5 -12.96 -13.35 -5.62
N GLY A 6 -12.20 -12.99 -6.67
CA GLY A 6 -10.81 -12.57 -6.49
C GLY A 6 -10.74 -11.06 -6.33
N ILE A 7 -9.98 -10.62 -5.33
CA ILE A 7 -9.93 -9.19 -5.00
C ILE A 7 -8.96 -8.50 -5.93
N LEU A 8 -9.40 -7.42 -6.58
CA LEU A 8 -8.53 -6.57 -7.39
C LEU A 8 -8.65 -5.13 -6.88
N ASN A 9 -7.69 -4.71 -6.08
CA ASN A 9 -7.68 -3.38 -5.49
C ASN A 9 -6.90 -2.44 -6.42
N LEU A 10 -7.62 -1.51 -7.06
CA LEU A 10 -6.99 -0.66 -8.06
C LEU A 10 -5.97 0.30 -7.46
N THR A 11 -5.96 0.49 -6.14
CA THR A 11 -5.05 1.43 -5.49
C THR A 11 -4.05 0.73 -4.58
N GLU A 12 -3.80 -0.55 -4.80
CA GLU A 12 -2.81 -1.23 -3.99
C GLU A 12 -1.38 -0.82 -4.38
N ASP A 13 -0.44 -1.18 -3.50
CA ASP A 13 0.96 -0.75 -3.57
C ASP A 13 1.61 -0.97 -4.93
N SER A 14 1.16 -1.96 -5.69
CA SER A 14 1.88 -2.33 -6.89
C SER A 14 1.48 -1.50 -8.10
N PHE A 15 0.55 -0.55 -7.95
CA PHE A 15 -0.01 0.19 -9.06
C PHE A 15 0.41 1.65 -9.07
N PHE A 16 1.42 2.03 -8.29
CA PHE A 16 1.89 3.42 -8.36
C PHE A 16 3.31 3.52 -7.80
N ASP A 17 4.02 4.57 -8.23
CA ASP A 17 5.37 4.83 -7.76
C ASP A 17 5.44 6.21 -7.12
N GLU A 18 6.63 6.83 -7.07
CA GLU A 18 6.77 8.11 -6.40
C GLU A 18 5.97 9.22 -7.06
N SER A 19 5.45 9.01 -8.28
CA SER A 19 4.65 10.03 -8.93
C SER A 19 3.19 10.00 -8.49
N ARG A 20 2.80 9.05 -7.63
CA ARG A 20 1.42 8.95 -7.13
C ARG A 20 0.42 8.79 -8.26
N ARG A 21 0.85 8.16 -9.34
CA ARG A 21 0.11 8.04 -10.58
C ARG A 21 -0.31 6.59 -10.76
N LEU A 22 -1.60 6.37 -11.01
CA LEU A 22 -2.13 5.01 -11.11
C LEU A 22 -1.91 4.43 -12.51
N ASP A 23 -1.75 3.11 -12.56
CA ASP A 23 -1.45 2.38 -13.79
C ASP A 23 -2.71 1.69 -14.30
N PRO A 24 -3.38 2.21 -15.33
CA PRO A 24 -4.56 1.51 -15.84
C PRO A 24 -4.22 0.26 -16.63
N ALA A 25 -3.16 0.29 -17.44
CA ALA A 25 -2.78 -0.88 -18.21
C ALA A 25 -2.39 -2.05 -17.31
N GLY A 26 -1.71 -1.76 -16.20
CA GLY A 26 -1.35 -2.83 -15.28
C GLY A 26 -2.54 -3.50 -14.64
N ALA A 27 -3.59 -2.74 -14.34
CA ALA A 27 -4.78 -3.32 -13.74
C ALA A 27 -5.55 -4.19 -14.73
N VAL A 28 -5.63 -3.74 -16.00
CA VAL A 28 -6.28 -4.54 -17.03
C VAL A 28 -5.59 -5.88 -17.20
N THR A 29 -4.25 -5.88 -17.25
CA THR A 29 -3.50 -7.13 -17.37
C THR A 29 -3.77 -8.05 -16.19
N ALA A 30 -3.72 -7.50 -14.97
CA ALA A 30 -3.95 -8.32 -13.78
C ALA A 30 -5.34 -8.94 -13.78
N ALA A 31 -6.34 -8.18 -14.24
CA ALA A 31 -7.71 -8.69 -14.21
C ALA A 31 -7.91 -9.81 -15.23
N ILE A 32 -7.32 -9.68 -16.42
CA ILE A 32 -7.41 -10.75 -17.40
C ILE A 32 -6.79 -12.04 -16.86
N GLU A 33 -5.60 -11.93 -16.26
CA GLU A 33 -4.95 -13.12 -15.75
C GLU A 33 -5.74 -13.74 -14.60
N MET A 34 -6.30 -12.92 -13.72
CA MET A 34 -7.10 -13.45 -12.62
C MET A 34 -8.23 -14.33 -13.12
N LEU A 35 -8.99 -13.83 -14.10
CA LEU A 35 -10.07 -14.61 -14.67
C LEU A 35 -9.56 -15.85 -15.40
N ARG A 36 -8.28 -15.87 -15.79
CA ARG A 36 -7.77 -17.03 -16.52
C ARG A 36 -7.47 -18.19 -15.58
N VAL A 37 -6.88 -17.91 -14.42
CA VAL A 37 -6.60 -18.94 -13.42
C VAL A 37 -7.13 -18.44 -12.08
N GLY A 38 -8.13 -19.15 -11.54
CA GLY A 38 -8.49 -18.97 -10.15
C GLY A 38 -9.82 -18.30 -9.89
N SER A 39 -10.00 -17.08 -10.40
CA SER A 39 -11.14 -16.24 -10.05
C SER A 39 -12.33 -16.56 -10.95
N ASP A 40 -13.43 -16.97 -10.34
CA ASP A 40 -14.70 -17.03 -11.06
C ASP A 40 -15.21 -15.63 -11.34
N VAL A 41 -15.09 -14.74 -10.36
CA VAL A 41 -15.46 -13.34 -10.50
C VAL A 41 -14.29 -12.49 -10.05
N VAL A 42 -14.05 -11.39 -10.75
CA VAL A 42 -13.05 -10.42 -10.32
C VAL A 42 -13.79 -9.26 -9.66
N ASP A 43 -13.38 -8.91 -8.43
CA ASP A 43 -14.03 -7.89 -7.61
C ASP A 43 -13.21 -6.61 -7.66
N VAL A 44 -13.62 -5.67 -8.51
CA VAL A 44 -12.86 -4.47 -8.81
C VAL A 44 -13.15 -3.40 -7.77
N GLY A 45 -12.12 -2.98 -7.04
CA GLY A 45 -12.27 -1.98 -6.01
C GLY A 45 -11.54 -0.68 -6.34
N PRO A 46 -12.30 0.36 -6.72
CA PRO A 46 -11.68 1.66 -7.04
C PRO A 46 -11.50 2.58 -5.84
N ALA A 47 -12.03 2.24 -4.67
CA ALA A 47 -11.88 3.11 -3.51
C ALA A 47 -10.70 2.65 -2.66
N ALA A 48 -10.05 3.60 -2.03
CA ALA A 48 -8.85 3.33 -1.26
C ALA A 48 -9.18 3.09 0.20
N SER A 49 -8.54 2.09 0.80
CA SER A 49 -8.64 1.87 2.24
C SER A 49 -7.35 2.21 2.97
N HIS A 50 -6.50 3.05 2.36
CA HIS A 50 -5.24 3.46 2.97
C HIS A 50 -5.49 4.34 4.19
N PRO A 51 -4.70 4.18 5.26
CA PRO A 51 -4.95 4.96 6.49
C PRO A 51 -5.01 6.46 6.30
N ASP A 52 -4.29 7.01 5.32
CA ASP A 52 -4.24 8.45 5.08
C ASP A 52 -5.11 8.87 3.90
N ALA A 53 -5.86 7.94 3.31
CA ALA A 53 -6.62 8.22 2.09
C ALA A 53 -7.81 9.10 2.39
N ARG A 54 -8.00 10.12 1.56
CA ARG A 54 -9.23 10.89 1.53
C ARG A 54 -10.28 10.13 0.72
N PRO A 55 -11.56 10.45 0.90
CA PRO A 55 -12.59 9.79 0.09
C PRO A 55 -12.34 10.00 -1.40
N VAL A 56 -12.67 8.99 -2.18
CA VAL A 56 -12.54 9.06 -3.64
C VAL A 56 -13.87 9.49 -4.22
N SER A 57 -13.85 10.56 -5.02
CA SER A 57 -15.07 11.04 -5.66
C SER A 57 -15.65 9.96 -6.58
N PRO A 58 -16.98 9.97 -6.78
CA PRO A 58 -17.55 8.99 -7.72
C PRO A 58 -16.97 9.10 -9.12
N ALA A 59 -16.74 10.33 -9.59
CA ALA A 59 -16.18 10.53 -10.92
C ALA A 59 -14.81 9.88 -11.06
N ASP A 60 -13.98 9.94 -10.01
CA ASP A 60 -12.70 9.24 -10.06
C ASP A 60 -12.88 7.74 -10.07
N GLU A 61 -13.84 7.23 -9.28
CA GLU A 61 -14.12 5.80 -9.29
C GLU A 61 -14.53 5.33 -10.68
N ILE A 62 -15.40 6.09 -11.36
CA ILE A 62 -15.86 5.69 -12.68
C ILE A 62 -14.70 5.69 -13.67
N ARG A 63 -13.87 6.73 -13.63
CA ARG A 63 -12.70 6.76 -14.50
C ARG A 63 -11.75 5.61 -14.21
N ARG A 64 -11.76 5.08 -12.98
CA ARG A 64 -10.85 3.99 -12.68
C ARG A 64 -11.38 2.65 -13.16
N ILE A 65 -12.70 2.44 -13.14
CA ILE A 65 -13.24 1.14 -13.52
C ILE A 65 -13.61 1.06 -15.00
N ALA A 66 -13.88 2.20 -15.63
CA ALA A 66 -14.26 2.22 -17.05
C ALA A 66 -13.27 1.48 -17.95
N PRO A 67 -11.95 1.68 -17.83
CA PRO A 67 -11.04 0.93 -18.72
C PRO A 67 -11.10 -0.56 -18.50
N LEU A 68 -11.41 -0.96 -17.28
CA LEU A 68 -11.51 -2.38 -16.96
C LEU A 68 -12.78 -2.99 -17.55
N LEU A 69 -13.90 -2.28 -17.46
CA LEU A 69 -15.12 -2.75 -18.11
C LEU A 69 -14.96 -2.79 -19.63
N ASP A 70 -14.20 -1.86 -20.20
CA ASP A 70 -13.87 -1.93 -21.62
C ASP A 70 -13.20 -3.25 -21.97
N ALA A 71 -12.16 -3.62 -21.21
CA ALA A 71 -11.40 -4.81 -21.57
C ALA A 71 -12.17 -6.10 -21.26
N LEU A 72 -13.15 -6.07 -20.36
CA LEU A 72 -13.92 -7.25 -20.02
C LEU A 72 -15.34 -7.23 -20.59
N SER A 73 -15.53 -6.54 -21.73
CA SER A 73 -16.88 -6.34 -22.26
C SER A 73 -17.57 -7.66 -22.59
N ASP A 74 -16.83 -8.65 -23.08
CA ASP A 74 -17.41 -9.93 -23.48
C ASP A 74 -17.57 -10.91 -22.32
N GLN A 75 -17.30 -10.49 -21.09
CA GLN A 75 -17.52 -11.34 -19.93
C GLN A 75 -17.91 -10.46 -18.74
N MET A 76 -18.96 -9.65 -18.94
CA MET A 76 -19.47 -8.77 -17.89
C MET A 76 -19.94 -9.55 -16.67
N HIS A 77 -20.45 -10.78 -16.87
CA HIS A 77 -21.01 -11.56 -15.78
C HIS A 77 -19.95 -12.04 -14.79
N ARG A 78 -18.67 -11.93 -15.12
CA ARG A 78 -17.59 -12.27 -14.21
C ARG A 78 -16.98 -11.04 -13.53
N VAL A 79 -17.67 -9.90 -13.59
CA VAL A 79 -17.17 -8.65 -13.03
C VAL A 79 -18.06 -8.24 -11.86
N SER A 80 -17.42 -7.94 -10.72
CA SER A 80 -18.07 -7.33 -9.57
C SER A 80 -17.44 -5.97 -9.30
N ILE A 81 -18.26 -4.99 -8.96
CA ILE A 81 -17.78 -3.65 -8.65
C ILE A 81 -17.92 -3.44 -7.15
N ASP A 82 -16.79 -3.21 -6.49
CA ASP A 82 -16.71 -3.00 -5.04
C ASP A 82 -16.74 -1.48 -4.80
N SER A 83 -17.94 -0.95 -4.54
CA SER A 83 -18.08 0.48 -4.33
C SER A 83 -19.37 0.77 -3.58
N PHE A 84 -19.34 1.77 -2.71
CA PHE A 84 -20.54 2.20 -1.99
C PHE A 84 -21.12 3.49 -2.56
N GLN A 85 -20.51 4.08 -3.59
CA GLN A 85 -21.03 5.31 -4.19
C GLN A 85 -22.19 4.96 -5.12
N PRO A 86 -23.40 5.46 -4.87
CA PRO A 86 -24.52 5.12 -5.77
C PRO A 86 -24.30 5.54 -7.22
N GLU A 87 -23.61 6.65 -7.47
CA GLU A 87 -23.33 7.05 -8.85
C GLU A 87 -22.43 6.05 -9.55
N THR A 88 -21.41 5.55 -8.86
CA THR A 88 -20.58 4.49 -9.43
C THR A 88 -21.40 3.23 -9.67
N GLN A 89 -22.24 2.86 -8.71
CA GLN A 89 -23.12 1.70 -8.89
C GLN A 89 -24.03 1.89 -10.08
N ARG A 90 -24.61 3.09 -10.23
CA ARG A 90 -25.49 3.36 -11.36
C ARG A 90 -24.74 3.20 -12.69
N TYR A 91 -23.53 3.76 -12.77
CA TYR A 91 -22.75 3.62 -14.00
C TYR A 91 -22.48 2.15 -14.31
N ALA A 92 -22.00 1.39 -13.33
CA ALA A 92 -21.74 -0.03 -13.55
C ALA A 92 -23.02 -0.79 -13.84
N LEU A 93 -24.12 -0.40 -13.19
CA LEU A 93 -25.44 -0.96 -13.47
C LEU A 93 -25.71 -0.98 -14.97
N LYS A 94 -25.75 0.20 -15.58
CA LYS A 94 -26.16 0.33 -16.98
C LYS A 94 -25.22 -0.41 -17.92
N ARG A 95 -23.94 -0.48 -17.59
CA ARG A 95 -23.00 -1.22 -18.42
C ARG A 95 -23.15 -2.73 -18.27
N GLY A 96 -23.96 -3.19 -17.31
CA GLY A 96 -24.31 -4.59 -17.20
C GLY A 96 -23.31 -5.49 -16.51
N VAL A 97 -22.64 -5.00 -15.46
CA VAL A 97 -21.74 -5.86 -14.70
C VAL A 97 -22.53 -6.97 -14.03
N GLY A 98 -21.81 -8.04 -13.65
CA GLY A 98 -22.47 -9.18 -13.05
C GLY A 98 -22.95 -8.92 -11.63
N TYR A 99 -22.18 -8.14 -10.86
CA TYR A 99 -22.42 -7.97 -9.43
C TYR A 99 -22.14 -6.54 -9.00
N LEU A 100 -22.91 -6.08 -8.01
CA LEU A 100 -22.60 -4.89 -7.23
C LEU A 100 -22.30 -5.33 -5.81
N ASN A 101 -21.13 -4.96 -5.31
CA ASN A 101 -20.66 -5.31 -3.97
C ASN A 101 -20.61 -4.03 -3.14
N ASP A 102 -21.53 -3.90 -2.19
CA ASP A 102 -21.65 -2.67 -1.40
C ASP A 102 -21.44 -2.97 0.07
N ILE A 103 -20.38 -2.40 0.65
CA ILE A 103 -20.12 -2.57 2.08
C ILE A 103 -21.14 -1.84 2.94
N GLN A 104 -21.93 -0.95 2.35
CA GLN A 104 -23.01 -0.30 3.06
C GLN A 104 -24.35 -0.97 2.82
N GLY A 105 -24.38 -2.04 2.02
CA GLY A 105 -25.59 -2.82 1.83
C GLY A 105 -26.74 -2.09 1.18
N PHE A 106 -26.44 -1.19 0.23
CA PHE A 106 -27.44 -0.44 -0.56
C PHE A 106 -28.49 0.21 0.34
N PRO A 107 -28.13 1.26 1.08
CA PRO A 107 -29.07 1.90 2.00
C PRO A 107 -29.85 3.06 1.41
N ASP A 108 -29.56 3.47 0.16
CA ASP A 108 -30.23 4.60 -0.46
C ASP A 108 -31.35 4.08 -1.36
N PRO A 109 -32.61 4.13 -0.92
CA PRO A 109 -33.71 3.60 -1.76
C PRO A 109 -33.92 4.34 -3.07
N ALA A 110 -33.36 5.54 -3.23
CA ALA A 110 -33.51 6.23 -4.50
C ALA A 110 -32.85 5.48 -5.65
N LEU A 111 -31.90 4.60 -5.36
CA LEU A 111 -31.26 3.77 -6.38
C LEU A 111 -32.01 2.47 -6.63
N TYR A 112 -32.97 2.10 -5.78
CA TYR A 112 -33.65 0.81 -5.92
C TYR A 112 -34.36 0.65 -7.25
N PRO A 113 -35.10 1.63 -7.78
CA PRO A 113 -35.74 1.39 -9.09
C PRO A 113 -34.75 1.10 -10.20
N ASP A 114 -33.60 1.78 -10.20
CA ASP A 114 -32.56 1.47 -11.19
C ASP A 114 -32.03 0.06 -11.03
N ILE A 115 -32.02 -0.47 -9.80
CA ILE A 115 -31.52 -1.82 -9.57
C ILE A 115 -32.54 -2.86 -10.00
N ALA A 116 -33.83 -2.57 -9.80
CA ALA A 116 -34.88 -3.52 -10.14
C ALA A 116 -34.95 -3.76 -11.65
N GLU A 117 -34.70 -2.73 -12.45
CA GLU A 117 -34.70 -2.91 -13.90
C GLU A 117 -33.54 -3.78 -14.36
N ALA A 118 -32.39 -3.70 -13.69
CA ALA A 118 -31.21 -4.42 -14.12
C ALA A 118 -31.30 -5.89 -13.71
N ASP A 119 -30.31 -6.68 -14.11
CA ASP A 119 -30.27 -8.11 -13.84
C ASP A 119 -29.07 -8.53 -13.02
N CYS A 120 -28.26 -7.58 -12.55
CA CYS A 120 -27.11 -7.89 -11.73
C CYS A 120 -27.53 -8.45 -10.38
N ARG A 121 -26.61 -9.16 -9.74
CA ARG A 121 -26.78 -9.63 -8.37
C ARG A 121 -26.15 -8.63 -7.41
N LEU A 122 -26.61 -8.68 -6.16
CA LEU A 122 -26.21 -7.72 -5.14
C LEU A 122 -25.58 -8.45 -3.96
N VAL A 123 -24.33 -8.11 -3.65
CA VAL A 123 -23.71 -8.52 -2.41
C VAL A 123 -24.08 -7.48 -1.36
N VAL A 124 -25.03 -7.83 -0.50
CA VAL A 124 -25.54 -6.93 0.52
C VAL A 124 -24.77 -7.20 1.81
N MET A 125 -23.83 -6.32 2.16
CA MET A 125 -23.01 -6.54 3.34
C MET A 125 -23.59 -5.84 4.56
N HIS A 126 -23.55 -6.55 5.68
CA HIS A 126 -23.87 -5.97 6.98
C HIS A 126 -22.64 -5.27 7.54
N SER A 127 -22.84 -4.03 8.00
CA SER A 127 -21.79 -3.27 8.64
C SER A 127 -22.34 -2.82 10.00
N ALA A 128 -21.66 -3.22 11.07
CA ALA A 128 -22.11 -2.93 12.42
C ALA A 128 -21.75 -1.54 12.89
N GLN A 129 -21.14 -0.72 12.03
CA GLN A 129 -20.78 0.64 12.43
C GLN A 129 -21.99 1.57 12.29
N ARG A 130 -23.17 1.02 12.57
CA ARG A 130 -24.42 1.78 12.49
C ARG A 130 -24.50 2.82 13.60
N THR A 135 -25.86 2.35 17.98
CA THR A 135 -24.57 2.13 18.61
C THR A 135 -24.73 1.55 20.02
N ARG A 136 -25.92 1.72 20.59
CA ARG A 136 -26.35 1.26 21.90
C ARG A 136 -25.22 1.26 22.95
N THR A 137 -24.94 0.11 23.58
CA THR A 137 -23.97 0.03 24.67
C THR A 137 -22.54 0.26 24.19
N GLY A 138 -22.23 -0.08 22.94
CA GLY A 138 -20.89 0.11 22.41
C GLY A 138 -20.59 -0.71 21.18
N HIS A 139 -19.42 -1.33 21.15
CA HIS A 139 -19.05 -2.20 20.05
C HIS A 139 -19.87 -3.48 20.07
N LEU A 140 -20.04 -4.08 18.88
CA LEU A 140 -20.85 -5.29 18.76
C LEU A 140 -20.19 -6.45 19.52
N ARG A 141 -20.89 -6.96 20.51
CA ARG A 141 -20.38 -8.07 21.31
C ARG A 141 -20.81 -9.41 20.71
N PRO A 142 -20.06 -10.49 20.98
CA PRO A 142 -20.42 -11.79 20.40
C PRO A 142 -21.83 -12.27 20.71
N GLU A 143 -22.31 -12.06 21.93
CA GLU A 143 -23.61 -12.58 22.33
C GLU A 143 -24.77 -11.88 21.64
N ASP A 144 -24.54 -10.73 21.01
CA ASP A 144 -25.58 -10.02 20.30
C ASP A 144 -25.41 -10.06 18.79
N ALA A 145 -24.30 -10.59 18.29
CA ALA A 145 -23.98 -10.42 16.86
C ALA A 145 -25.02 -11.08 15.96
N LEU A 146 -25.39 -12.34 16.26
CA LEU A 146 -26.25 -13.08 15.33
C LEU A 146 -27.63 -12.42 15.22
N ASP A 147 -28.19 -12.00 16.34
CA ASP A 147 -29.50 -11.34 16.30
C ASP A 147 -29.41 -10.00 15.58
N GLU A 148 -28.31 -9.28 15.78
CA GLU A 148 -28.15 -7.99 15.10
C GLU A 148 -28.08 -8.16 13.59
N ILE A 149 -27.34 -9.18 13.13
CA ILE A 149 -27.18 -9.42 11.70
C ILE A 149 -28.50 -9.84 11.08
N VAL A 150 -29.25 -10.69 11.78
CA VAL A 150 -30.53 -11.15 11.25
C VAL A 150 -31.51 -9.99 11.13
N ARG A 151 -31.58 -9.15 12.16
CA ARG A 151 -32.48 -8.00 12.10
C ARG A 151 -32.04 -7.00 11.04
N PHE A 152 -30.73 -6.87 10.81
CA PHE A 152 -30.27 -6.00 9.74
C PHE A 152 -30.74 -6.49 8.38
N PHE A 153 -30.55 -7.78 8.10
CA PHE A 153 -30.93 -8.30 6.78
C PHE A 153 -32.44 -8.37 6.62
N GLU A 154 -33.16 -8.74 7.68
CA GLU A 154 -34.62 -8.72 7.62
C GLU A 154 -35.10 -7.36 7.11
N ALA A 155 -34.50 -6.28 7.59
CA ALA A 155 -34.93 -4.94 7.18
C ALA A 155 -34.45 -4.59 5.78
N ARG A 156 -33.19 -4.92 5.44
CA ARG A 156 -32.64 -4.47 4.16
C ARG A 156 -33.15 -5.32 2.99
N VAL A 157 -33.27 -6.64 3.18
CA VAL A 157 -33.89 -7.49 2.16
C VAL A 157 -35.33 -7.04 1.88
N SER A 158 -36.13 -6.85 2.93
CA SER A 158 -37.52 -6.47 2.69
C SER A 158 -37.63 -5.09 2.07
N ALA A 159 -36.64 -4.21 2.29
CA ALA A 159 -36.67 -2.92 1.62
C ALA A 159 -36.40 -3.07 0.13
N LEU A 160 -35.36 -3.84 -0.23
CA LEU A 160 -35.06 -4.09 -1.63
C LEU A 160 -36.20 -4.87 -2.30
N ARG A 161 -36.75 -5.85 -1.59
CA ARG A 161 -37.83 -6.63 -2.16
C ARG A 161 -39.09 -5.80 -2.38
N ARG A 162 -39.32 -4.81 -1.51
CA ARG A 162 -40.48 -3.95 -1.68
C ARG A 162 -40.36 -3.08 -2.92
N SER A 163 -39.15 -2.83 -3.38
CA SER A 163 -38.91 -1.97 -4.53
C SER A 163 -38.79 -2.74 -5.84
N GLY A 164 -39.00 -4.06 -5.81
CA GLY A 164 -38.96 -4.87 -7.01
C GLY A 164 -37.69 -5.65 -7.25
N VAL A 165 -36.75 -5.64 -6.30
CA VAL A 165 -35.53 -6.42 -6.44
C VAL A 165 -35.81 -7.85 -6.00
N ALA A 166 -35.75 -8.79 -6.94
CA ALA A 166 -36.07 -10.18 -6.65
C ALA A 166 -35.12 -10.77 -5.64
N ALA A 167 -35.62 -11.73 -4.86
CA ALA A 167 -34.83 -12.32 -3.78
C ALA A 167 -33.67 -13.17 -4.32
N ASP A 168 -33.85 -13.80 -5.49
CA ASP A 168 -32.81 -14.64 -6.07
C ASP A 168 -31.62 -13.85 -6.62
N ARG A 169 -31.64 -12.52 -6.52
CA ARG A 169 -30.51 -11.69 -6.92
C ARG A 169 -29.66 -11.29 -5.73
N LEU A 170 -30.03 -11.71 -4.52
CA LEU A 170 -29.44 -11.20 -3.29
C LEU A 170 -28.41 -12.17 -2.75
N ILE A 171 -27.24 -11.65 -2.39
CA ILE A 171 -26.19 -12.39 -1.69
C ILE A 171 -25.88 -11.62 -0.42
N LEU A 172 -25.80 -12.33 0.71
CA LEU A 172 -25.72 -11.70 2.02
C LEU A 172 -24.36 -11.94 2.64
N ASP A 173 -23.67 -10.85 3.00
CA ASP A 173 -22.35 -10.86 3.63
C ASP A 173 -22.48 -10.40 5.07
N PRO A 174 -22.22 -11.25 6.06
CA PRO A 174 -22.38 -10.83 7.47
C PRO A 174 -21.44 -9.72 7.90
N GLY A 175 -20.35 -9.47 7.16
CA GLY A 175 -19.32 -8.57 7.63
C GLY A 175 -18.32 -9.32 8.48
N MET A 176 -17.05 -8.94 8.41
CA MET A 176 -16.01 -9.56 9.22
C MET A 176 -14.99 -8.51 9.65
N GLY A 177 -14.21 -8.86 10.66
CA GLY A 177 -13.21 -7.94 11.18
C GLY A 177 -13.84 -6.70 11.78
N PHE A 178 -13.22 -5.54 11.48
CA PHE A 178 -13.68 -4.28 12.03
C PHE A 178 -15.02 -3.84 11.48
N PHE A 179 -15.51 -4.46 10.40
CA PHE A 179 -16.87 -4.16 9.99
C PHE A 179 -17.90 -4.72 10.98
N LEU A 180 -17.51 -5.74 11.76
CA LEU A 180 -18.37 -6.27 12.80
C LEU A 180 -18.08 -5.61 14.14
N SER A 181 -16.82 -5.58 14.53
CA SER A 181 -16.41 -5.04 15.81
C SER A 181 -14.89 -4.97 15.87
N PRO A 182 -14.31 -4.06 16.66
CA PRO A 182 -12.86 -4.11 16.88
C PRO A 182 -12.42 -5.35 17.61
N ALA A 183 -13.35 -6.04 18.28
CA ALA A 183 -13.02 -7.24 19.04
C ALA A 183 -12.96 -8.45 18.12
N PRO A 184 -11.86 -9.20 18.13
CA PRO A 184 -11.79 -10.39 17.27
C PRO A 184 -12.84 -11.43 17.61
N GLU A 185 -13.20 -11.55 18.89
CA GLU A 185 -14.14 -12.58 19.33
C GLU A 185 -15.46 -12.51 18.56
N THR A 186 -15.92 -11.32 18.22
CA THR A 186 -17.20 -11.21 17.53
C THR A 186 -17.12 -11.85 16.14
N SER A 187 -16.04 -11.60 15.41
CA SER A 187 -15.86 -12.26 14.12
C SER A 187 -15.69 -13.77 14.28
N LEU A 188 -14.95 -14.20 15.30
CA LEU A 188 -14.79 -15.63 15.52
C LEU A 188 -16.12 -16.29 15.86
N HIS A 189 -16.94 -15.63 16.69
CA HIS A 189 -18.23 -16.19 17.02
C HIS A 189 -19.15 -16.30 15.81
N VAL A 190 -19.15 -15.27 14.96
CA VAL A 190 -20.02 -15.29 13.78
C VAL A 190 -19.54 -16.35 12.81
N LEU A 191 -18.24 -16.40 12.54
CA LEU A 191 -17.70 -17.39 11.60
C LEU A 191 -17.95 -18.82 12.10
N SER A 192 -17.66 -19.08 13.38
CA SER A 192 -17.83 -20.42 13.92
C SER A 192 -19.28 -20.87 13.86
N ASN A 193 -20.23 -19.95 14.09
CA ASN A 193 -21.64 -20.30 14.08
C ASN A 193 -22.33 -19.80 12.83
N LEU A 194 -21.61 -19.83 11.70
CA LEU A 194 -22.16 -19.35 10.43
C LEU A 194 -23.35 -20.19 9.96
N GLN A 195 -23.35 -21.50 10.25
CA GLN A 195 -24.46 -22.33 9.80
C GLN A 195 -25.79 -21.83 10.35
N LYS A 196 -25.82 -21.45 11.63
CA LYS A 196 -27.06 -20.94 12.20
C LYS A 196 -27.50 -19.66 11.51
N LEU A 197 -26.53 -18.81 11.14
CA LEU A 197 -26.85 -17.62 10.36
C LEU A 197 -27.45 -17.99 9.01
N LYS A 198 -26.83 -18.95 8.31
CA LYS A 198 -27.32 -19.35 7.00
C LYS A 198 -28.74 -19.90 7.05
N SER A 199 -29.04 -20.72 8.06
CA SER A 199 -30.39 -21.28 8.17
C SER A 199 -31.43 -20.23 8.47
N ALA A 200 -31.09 -19.20 9.25
CA ALA A 200 -32.08 -18.21 9.64
C ALA A 200 -32.32 -17.17 8.55
N LEU A 201 -31.34 -16.96 7.67
CA LEU A 201 -31.46 -16.00 6.59
C LEU A 201 -32.09 -16.61 5.33
N GLY A 202 -31.76 -17.86 5.03
CA GLY A 202 -32.38 -18.54 3.90
C GLY A 202 -32.00 -18.01 2.54
N LEU A 203 -30.85 -17.36 2.42
CA LEU A 203 -30.36 -16.83 1.15
C LEU A 203 -28.87 -17.16 1.08
N PRO A 204 -28.28 -17.10 -0.12
CA PRO A 204 -26.86 -17.44 -0.22
C PRO A 204 -25.98 -16.49 0.57
N LEU A 205 -24.88 -17.02 1.10
CA LEU A 205 -23.96 -16.27 1.94
C LEU A 205 -22.63 -16.07 1.22
N LEU A 206 -22.06 -14.88 1.38
CA LEU A 206 -20.69 -14.59 1.00
C LEU A 206 -19.92 -14.19 2.25
N VAL A 207 -18.66 -14.59 2.33
CA VAL A 207 -17.76 -14.10 3.38
C VAL A 207 -16.47 -13.59 2.75
N SER A 208 -15.84 -12.67 3.45
CA SER A 208 -14.54 -12.13 3.05
C SER A 208 -13.71 -12.03 4.33
N VAL A 209 -12.97 -13.10 4.64
CA VAL A 209 -12.11 -13.12 5.82
C VAL A 209 -10.66 -12.81 5.47
N SER A 210 -10.28 -12.91 4.22
CA SER A 210 -8.90 -12.87 3.78
C SER A 210 -8.17 -11.65 4.36
N ARG A 211 -7.11 -11.91 5.14
CA ARG A 211 -6.22 -10.89 5.68
C ARG A 211 -6.87 -9.95 6.71
N LYS A 212 -8.04 -10.29 7.24
CA LYS A 212 -8.72 -9.39 8.15
C LYS A 212 -8.03 -9.34 9.52
N SER A 213 -8.18 -8.19 10.19
CA SER A 213 -7.62 -7.97 11.52
C SER A 213 -7.84 -9.14 12.47
N PHE A 214 -9.04 -9.72 12.47
CA PHE A 214 -9.33 -10.74 13.48
C PHE A 214 -8.51 -11.99 13.25
N LEU A 215 -8.11 -12.27 12.00
CA LEU A 215 -7.16 -13.34 11.76
C LEU A 215 -5.81 -13.01 12.37
N GLY A 216 -5.34 -11.76 12.15
CA GLY A 216 -4.06 -11.36 12.70
C GLY A 216 -4.03 -11.43 14.21
N ALA A 217 -5.12 -11.01 14.86
CA ALA A 217 -5.21 -11.11 16.31
C ALA A 217 -5.25 -12.56 16.78
N THR A 218 -5.76 -13.47 15.96
CA THR A 218 -5.91 -14.86 16.40
C THR A 218 -4.58 -15.62 16.33
N VAL A 219 -3.82 -15.46 15.25
CA VAL A 219 -2.58 -16.21 15.07
C VAL A 219 -1.33 -15.38 15.32
N GLY A 220 -1.47 -14.07 15.58
CA GLY A 220 -0.33 -13.22 15.87
C GLY A 220 0.66 -13.06 14.73
N LEU A 221 0.18 -12.65 13.57
CA LEU A 221 0.98 -12.57 12.36
C LEU A 221 0.62 -11.30 11.62
N PRO A 222 1.56 -10.68 10.92
CA PRO A 222 1.22 -9.49 10.10
C PRO A 222 0.40 -9.88 8.89
N VAL A 223 -0.11 -8.85 8.21
CA VAL A 223 -1.15 -9.03 7.20
C VAL A 223 -0.70 -9.94 6.05
N LYS A 224 0.60 -9.99 5.76
CA LYS A 224 1.04 -10.74 4.59
C LYS A 224 1.44 -12.17 4.91
N ASP A 225 1.39 -12.57 6.18
CA ASP A 225 1.59 -13.95 6.58
C ASP A 225 0.27 -14.67 6.90
N LEU A 226 -0.85 -14.09 6.50
CA LEU A 226 -2.16 -14.60 6.87
C LEU A 226 -2.80 -15.45 5.78
N GLY A 227 -2.09 -15.70 4.67
CA GLY A 227 -2.57 -16.60 3.64
C GLY A 227 -3.09 -17.92 4.19
N PRO A 228 -2.29 -18.62 5.00
CA PRO A 228 -2.74 -19.91 5.53
C PRO A 228 -3.90 -19.83 6.50
N ALA A 229 -3.85 -18.89 7.45
CA ALA A 229 -4.98 -18.72 8.35
C ALA A 229 -6.25 -18.34 7.57
N SER A 230 -6.10 -17.50 6.54
CA SER A 230 -7.25 -17.15 5.71
C SER A 230 -7.82 -18.38 5.03
N LEU A 231 -6.97 -19.20 4.43
CA LEU A 231 -7.45 -20.42 3.78
C LEU A 231 -8.21 -21.31 4.77
N ALA A 232 -7.66 -21.49 5.97
CA ALA A 232 -8.36 -22.27 6.99
C ALA A 232 -9.73 -21.66 7.29
N ALA A 233 -9.77 -20.33 7.44
CA ALA A 233 -11.03 -19.63 7.72
C ALA A 233 -12.03 -19.82 6.58
N GLU A 234 -11.54 -19.70 5.34
CA GLU A 234 -12.42 -19.82 4.18
C GLU A 234 -13.01 -21.21 4.07
N LEU A 235 -12.17 -22.24 4.20
CA LEU A 235 -12.64 -23.62 4.11
C LEU A 235 -13.66 -23.92 5.19
N HIS A 236 -13.44 -23.36 6.38
CA HIS A 236 -14.42 -23.48 7.44
C HIS A 236 -15.72 -22.79 7.06
N ALA A 237 -15.63 -21.59 6.48
CA ALA A 237 -16.84 -20.88 6.08
C ALA A 237 -17.59 -21.64 5.00
N ILE A 238 -16.87 -22.22 4.04
CA ILE A 238 -17.51 -22.97 2.96
C ILE A 238 -18.24 -24.19 3.53
N GLY A 239 -17.63 -24.87 4.49
CA GLY A 239 -18.29 -26.00 5.11
C GLY A 239 -19.51 -25.64 5.93
N ASN A 240 -19.73 -24.36 6.22
CA ASN A 240 -20.86 -23.90 7.03
C ASN A 240 -21.78 -22.96 6.28
N GLY A 241 -21.97 -23.21 4.99
CA GLY A 241 -23.02 -22.55 4.25
C GLY A 241 -22.60 -21.40 3.38
N ALA A 242 -21.32 -21.02 3.41
CA ALA A 242 -20.86 -19.95 2.53
C ALA A 242 -20.87 -20.45 1.09
N ASP A 243 -21.60 -19.75 0.23
CA ASP A 243 -21.65 -20.10 -1.19
C ASP A 243 -20.68 -19.28 -2.04
N TYR A 244 -20.22 -18.15 -1.52
CA TYR A 244 -19.29 -17.26 -2.18
C TYR A 244 -18.17 -16.92 -1.21
N VAL A 245 -16.95 -16.77 -1.74
CA VAL A 245 -15.83 -16.31 -0.94
C VAL A 245 -15.08 -15.22 -1.71
N ARG A 246 -14.84 -14.10 -1.03
CA ARG A 246 -14.02 -13.00 -1.54
C ARG A 246 -12.63 -13.12 -0.92
N THR A 247 -11.60 -13.25 -1.76
CA THR A 247 -10.28 -13.54 -1.21
C THR A 247 -9.17 -12.92 -2.04
N HIS A 248 -8.04 -12.64 -1.36
CA HIS A 248 -6.82 -12.19 -2.01
C HIS A 248 -6.08 -13.30 -2.74
N ALA A 249 -6.30 -14.57 -2.37
CA ALA A 249 -5.59 -15.70 -2.98
C ALA A 249 -6.62 -16.66 -3.60
N PRO A 250 -7.17 -16.29 -4.76
CA PRO A 250 -8.31 -17.07 -5.29
C PRO A 250 -7.91 -18.40 -5.90
N GLY A 251 -6.84 -18.44 -6.69
CA GLY A 251 -6.34 -19.72 -7.20
C GLY A 251 -5.98 -20.68 -6.09
N ASP A 252 -5.38 -20.17 -5.00
CA ASP A 252 -5.10 -21.00 -3.84
C ASP A 252 -6.38 -21.62 -3.30
N LEU A 253 -7.43 -20.81 -3.14
CA LEU A 253 -8.65 -21.30 -2.54
C LEU A 253 -9.34 -22.32 -3.44
N ARG A 254 -9.41 -22.04 -4.75
CA ARG A 254 -10.05 -22.98 -5.68
C ARG A 254 -9.40 -24.35 -5.61
N SER A 255 -8.06 -24.41 -5.63
CA SER A 255 -7.39 -25.70 -5.62
C SER A 255 -7.63 -26.44 -4.30
N ALA A 256 -7.76 -25.70 -3.20
CA ALA A 256 -8.14 -26.35 -1.95
C ALA A 256 -9.60 -26.79 -1.95
N ILE A 257 -10.47 -26.03 -2.61
CA ILE A 257 -11.87 -26.46 -2.75
C ILE A 257 -11.94 -27.75 -3.55
N THR A 258 -11.24 -27.79 -4.69
CA THR A 258 -11.24 -28.98 -5.53
C THR A 258 -10.77 -30.20 -4.75
N PHE A 259 -9.74 -30.05 -3.91
CA PHE A 259 -9.30 -31.18 -3.11
C PHE A 259 -10.36 -31.60 -2.10
N SER A 260 -10.99 -30.62 -1.44
CA SER A 260 -11.98 -30.94 -0.40
C SER A 260 -13.19 -31.65 -1.00
N GLU A 261 -13.68 -31.16 -2.14
CA GLU A 261 -14.84 -31.79 -2.76
C GLU A 261 -14.51 -33.19 -3.26
N THR A 262 -13.32 -33.38 -3.83
CA THR A 262 -12.92 -34.71 -4.27
C THR A 262 -12.79 -35.65 -3.08
N LEU A 263 -12.26 -35.15 -1.96
CA LEU A 263 -12.03 -36.02 -0.80
C LEU A 263 -13.35 -36.47 -0.18
N ALA A 264 -14.36 -35.59 -0.17
CA ALA A 264 -15.66 -35.96 0.39
C ALA A 264 -16.30 -37.12 -0.35
N LYS A 265 -15.95 -37.34 -1.62
CA LYS A 265 -16.55 -38.44 -2.36
C LYS A 265 -16.05 -39.80 -1.89
N PHE A 266 -14.97 -39.85 -1.12
CA PHE A 266 -14.43 -41.12 -0.63
C PHE A 266 -14.90 -41.47 0.77
N ARG A 267 -15.66 -40.58 1.43
CA ARG A 267 -16.16 -40.86 2.75
C ARG A 267 -17.18 -42.01 2.72
N SER A 268 -17.03 -42.95 3.65
CA SER A 268 -17.91 -44.11 3.70
C SER A 268 -19.13 -43.83 4.58
N MET B 1 33.88 2.74 -0.55
CA MET B 1 33.04 2.64 0.64
C MET B 1 31.65 3.20 0.37
N VAL B 2 30.63 2.35 0.57
CA VAL B 2 29.23 2.73 0.36
C VAL B 2 28.45 2.48 1.64
N THR B 3 27.53 3.38 1.95
CA THR B 3 26.58 3.21 3.04
C THR B 3 25.19 3.02 2.46
N VAL B 4 24.51 1.95 2.86
CA VAL B 4 23.23 1.55 2.27
C VAL B 4 22.11 1.91 3.24
N PHE B 5 21.21 2.80 2.80
CA PHE B 5 19.97 3.13 3.54
C PHE B 5 18.88 2.16 3.09
N GLY B 6 18.27 1.45 4.03
CA GLY B 6 17.15 0.58 3.73
C GLY B 6 15.84 1.33 3.97
N ILE B 7 14.97 1.29 2.96
CA ILE B 7 13.72 2.04 3.05
C ILE B 7 12.73 1.28 3.93
N LEU B 8 12.19 1.96 4.94
CA LEU B 8 11.13 1.40 5.77
C LEU B 8 9.93 2.35 5.69
N ASN B 9 9.04 2.06 4.74
CA ASN B 9 7.83 2.85 4.55
C ASN B 9 6.75 2.37 5.50
N LEU B 10 6.48 3.17 6.55
CA LEU B 10 5.56 2.77 7.61
C LEU B 10 4.10 2.68 7.15
N THR B 11 3.78 3.16 5.95
CA THR B 11 2.41 3.13 5.44
C THR B 11 2.25 2.23 4.20
N GLU B 12 3.22 1.39 3.89
CA GLU B 12 3.02 0.43 2.83
C GLU B 12 1.96 -0.61 3.21
N ASP B 13 1.48 -1.34 2.19
CA ASP B 13 0.34 -2.25 2.31
C ASP B 13 0.53 -3.32 3.40
N SER B 14 1.78 -3.71 3.67
CA SER B 14 2.07 -4.75 4.67
C SER B 14 1.74 -4.32 6.10
N PHE B 15 1.49 -3.05 6.36
CA PHE B 15 1.36 -2.57 7.74
C PHE B 15 -0.05 -2.07 8.07
N PHE B 16 -1.06 -2.47 7.30
CA PHE B 16 -2.43 -2.19 7.72
C PHE B 16 -3.39 -3.18 7.08
N ASP B 17 -4.55 -3.33 7.72
CA ASP B 17 -5.61 -4.18 7.19
C ASP B 17 -6.89 -3.36 7.10
N GLU B 18 -8.06 -4.03 7.08
CA GLU B 18 -9.32 -3.36 6.83
C GLU B 18 -9.66 -2.34 7.91
N SER B 19 -9.03 -2.43 9.08
CA SER B 19 -9.23 -1.42 10.12
C SER B 19 -8.57 -0.09 9.80
N ARG B 20 -7.83 0.00 8.69
CA ARG B 20 -7.16 1.25 8.27
C ARG B 20 -6.23 1.75 9.37
N ARG B 21 -5.65 0.81 10.12
CA ARG B 21 -4.90 1.09 11.33
C ARG B 21 -3.48 0.55 11.15
N LEU B 22 -2.49 1.36 11.51
CA LEU B 22 -1.11 1.01 11.24
C LEU B 22 -0.58 0.01 12.28
N ASP B 23 0.28 -0.87 11.82
CA ASP B 23 0.86 -1.93 12.63
C ASP B 23 2.30 -1.58 12.97
N PRO B 24 2.57 -1.03 14.16
CA PRO B 24 3.96 -0.66 14.51
C PRO B 24 4.84 -1.86 14.84
N ALA B 25 4.25 -2.92 15.41
CA ALA B 25 5.02 -4.10 15.76
C ALA B 25 5.60 -4.78 14.52
N GLY B 26 4.83 -4.84 13.43
CA GLY B 26 5.35 -5.40 12.20
C GLY B 26 6.50 -4.58 11.63
N ALA B 27 6.41 -3.25 11.72
CA ALA B 27 7.48 -2.40 11.20
C ALA B 27 8.74 -2.53 12.06
N VAL B 28 8.57 -2.61 13.38
CA VAL B 28 9.70 -2.83 14.27
C VAL B 28 10.42 -4.13 13.90
N THR B 29 9.65 -5.21 13.74
CA THR B 29 10.21 -6.48 13.31
C THR B 29 10.94 -6.35 11.97
N ALA B 30 10.35 -5.63 11.02
CA ALA B 30 11.01 -5.45 9.73
C ALA B 30 12.29 -4.63 9.87
N ALA B 31 12.26 -3.59 10.70
CA ALA B 31 13.44 -2.73 10.85
C ALA B 31 14.61 -3.49 11.47
N ILE B 32 14.36 -4.18 12.59
CA ILE B 32 15.43 -4.94 13.23
C ILE B 32 16.01 -5.97 12.26
N GLU B 33 15.16 -6.54 11.42
CA GLU B 33 15.62 -7.58 10.50
C GLU B 33 16.45 -6.99 9.37
N MET B 34 16.00 -5.88 8.77
CA MET B 34 16.76 -5.33 7.66
C MET B 34 18.11 -4.78 8.12
N LEU B 35 18.20 -4.35 9.38
CA LEU B 35 19.50 -4.02 9.97
C LEU B 35 20.40 -5.26 10.09
N ARG B 36 19.81 -6.44 10.33
CA ARG B 36 20.61 -7.64 10.54
C ARG B 36 21.23 -8.13 9.23
N VAL B 37 20.51 -7.99 8.13
CA VAL B 37 21.02 -8.38 6.83
C VAL B 37 20.89 -7.18 5.91
N GLY B 38 22.00 -6.52 5.63
CA GLY B 38 22.02 -5.55 4.55
C GLY B 38 22.10 -4.09 4.93
N SER B 39 21.07 -3.56 5.59
CA SER B 39 21.00 -2.13 5.82
C SER B 39 22.05 -1.68 6.83
N ASP B 40 22.91 -0.76 6.40
CA ASP B 40 23.70 0.00 7.37
C ASP B 40 22.81 0.95 8.15
N VAL B 41 21.86 1.58 7.47
CA VAL B 41 20.94 2.54 8.06
C VAL B 41 19.53 2.15 7.63
N VAL B 42 18.56 2.36 8.51
CA VAL B 42 17.17 2.17 8.15
C VAL B 42 16.53 3.55 8.05
N ASP B 43 15.94 3.84 6.89
CA ASP B 43 15.33 5.13 6.58
C ASP B 43 13.83 5.04 6.84
N VAL B 44 13.38 5.54 8.00
CA VAL B 44 12.01 5.37 8.49
C VAL B 44 11.14 6.49 7.93
N GLY B 45 10.16 6.14 7.10
CA GLY B 45 9.28 7.10 6.46
C GLY B 45 7.84 7.01 6.93
N PRO B 46 7.41 7.99 7.72
CA PRO B 46 6.03 7.97 8.24
C PRO B 46 4.99 8.69 7.39
N ALA B 47 5.40 9.34 6.30
CA ALA B 47 4.49 10.16 5.52
C ALA B 47 3.96 9.35 4.36
N ALA B 48 2.64 9.39 4.18
CA ALA B 48 1.99 8.54 3.20
C ALA B 48 2.51 8.83 1.80
N SER B 49 2.31 7.85 0.92
CA SER B 49 2.68 7.99 -0.48
C SER B 49 1.52 7.64 -1.39
N HIS B 50 0.32 7.44 -0.84
CA HIS B 50 -0.79 6.95 -1.62
C HIS B 50 -1.35 8.05 -2.53
N PRO B 51 -1.83 7.68 -3.73
CA PRO B 51 -2.43 8.69 -4.62
C PRO B 51 -3.65 9.40 -4.05
N ASP B 52 -4.43 8.75 -3.18
CA ASP B 52 -5.62 9.38 -2.60
C ASP B 52 -5.36 9.91 -1.20
N ALA B 53 -4.11 10.14 -0.83
CA ALA B 53 -3.78 10.52 0.54
C ALA B 53 -3.83 12.02 0.71
N ARG B 54 -4.26 12.43 1.88
CA ARG B 54 -4.08 13.79 2.37
C ARG B 54 -2.76 13.89 3.12
N PRO B 55 -2.26 15.09 3.38
CA PRO B 55 -1.02 15.22 4.12
C PRO B 55 -1.15 14.62 5.51
N VAL B 56 -0.04 14.08 6.00
CA VAL B 56 0.02 13.49 7.33
C VAL B 56 0.44 14.56 8.33
N SER B 57 -0.37 14.78 9.35
CA SER B 57 -0.02 15.77 10.37
C SER B 57 1.30 15.38 11.06
N PRO B 58 2.04 16.36 11.56
CA PRO B 58 3.26 16.03 12.33
C PRO B 58 2.98 15.18 13.56
N ALA B 59 1.84 15.39 14.23
CA ALA B 59 1.50 14.56 15.38
C ALA B 59 1.40 13.09 15.00
N ASP B 60 0.76 12.79 13.86
CA ASP B 60 0.66 11.39 13.44
C ASP B 60 2.02 10.82 13.04
N GLU B 61 2.82 11.62 12.33
CA GLU B 61 4.18 11.20 12.00
C GLU B 61 4.94 10.79 13.25
N ILE B 62 4.86 11.63 14.29
CA ILE B 62 5.60 11.36 15.53
C ILE B 62 5.07 10.09 16.19
N ARG B 63 3.75 9.94 16.24
CA ARG B 63 3.15 8.71 16.75
C ARG B 63 3.64 7.49 15.99
N ARG B 64 3.78 7.59 14.67
CA ARG B 64 4.15 6.42 13.88
C ARG B 64 5.61 6.03 14.08
N ILE B 65 6.51 6.99 14.21
CA ILE B 65 7.92 6.65 14.37
C ILE B 65 8.33 6.39 15.82
N ALA B 66 7.56 6.89 16.79
CA ALA B 66 7.92 6.70 18.21
C ALA B 66 8.20 5.24 18.56
N PRO B 67 7.37 4.26 18.18
CA PRO B 67 7.71 2.86 18.53
C PRO B 67 9.00 2.37 17.90
N LEU B 68 9.34 2.88 16.71
CA LEU B 68 10.57 2.44 16.06
C LEU B 68 11.80 2.98 16.77
N LEU B 69 11.79 4.26 17.16
CA LEU B 69 12.91 4.79 17.93
C LEU B 69 13.01 4.10 19.29
N ASP B 70 11.87 3.73 19.88
CA ASP B 70 11.88 2.92 21.09
C ASP B 70 12.69 1.64 20.89
N ALA B 71 12.39 0.90 19.82
CA ALA B 71 13.01 -0.40 19.59
C ALA B 71 14.46 -0.29 19.13
N LEU B 72 14.92 0.87 18.69
CA LEU B 72 16.27 1.03 18.16
C LEU B 72 17.12 2.00 18.97
N SER B 73 16.72 2.26 20.22
CA SER B 73 17.40 3.29 21.01
C SER B 73 18.84 2.94 21.32
N ASP B 74 19.20 1.65 21.30
CA ASP B 74 20.60 1.30 21.57
C ASP B 74 21.48 1.40 20.34
N GLN B 75 20.92 1.73 19.18
CA GLN B 75 21.71 1.87 17.95
C GLN B 75 21.16 3.02 17.11
N MET B 76 21.00 4.18 17.75
CA MET B 76 20.34 5.31 17.09
C MET B 76 21.15 5.83 15.91
N HIS B 77 22.47 5.64 15.92
CA HIS B 77 23.26 6.09 14.78
C HIS B 77 22.90 5.35 13.49
N ARG B 78 22.15 4.25 13.56
CA ARG B 78 21.72 3.52 12.38
C ARG B 78 20.30 3.89 11.94
N VAL B 79 19.78 5.02 12.40
CA VAL B 79 18.40 5.41 12.17
C VAL B 79 18.37 6.73 11.42
N SER B 80 17.63 6.77 10.32
CA SER B 80 17.36 7.99 9.57
C SER B 80 15.86 8.24 9.59
N ILE B 81 15.44 9.49 9.78
CA ILE B 81 14.02 9.84 9.77
C ILE B 81 13.74 10.57 8.46
N ASP B 82 12.91 9.95 7.63
CA ASP B 82 12.50 10.49 6.34
C ASP B 82 11.25 11.36 6.53
N SER B 83 11.47 12.66 6.72
CA SER B 83 10.35 13.56 6.95
C SER B 83 10.75 14.99 6.61
N PHE B 84 9.77 15.77 6.13
CA PHE B 84 9.96 17.20 5.88
C PHE B 84 9.20 18.08 6.86
N GLN B 85 8.66 17.51 7.93
CA GLN B 85 7.92 18.29 8.92
C GLN B 85 8.88 18.77 10.01
N PRO B 86 9.05 20.07 10.20
CA PRO B 86 10.00 20.54 11.23
C PRO B 86 9.66 20.04 12.64
N GLU B 87 8.38 19.81 12.95
CA GLU B 87 8.03 19.26 14.26
C GLU B 87 8.54 17.83 14.40
N THR B 88 8.35 17.01 13.37
CA THR B 88 8.90 15.65 13.39
C THR B 88 10.41 15.67 13.47
N GLN B 89 11.05 16.63 12.78
CA GLN B 89 12.50 16.70 12.79
C GLN B 89 13.03 17.10 14.16
N ARG B 90 12.38 18.08 14.81
CA ARG B 90 12.77 18.47 16.15
C ARG B 90 12.66 17.30 17.12
N TYR B 91 11.54 16.57 17.05
CA TYR B 91 11.36 15.41 17.91
C TYR B 91 12.49 14.40 17.70
N ALA B 92 12.82 14.11 16.43
CA ALA B 92 13.87 13.14 16.15
C ALA B 92 15.23 13.61 16.69
N LEU B 93 15.52 14.90 16.55
CA LEU B 93 16.74 15.46 17.15
C LEU B 93 16.78 15.19 18.66
N LYS B 94 15.65 15.38 19.34
CA LYS B 94 15.64 15.21 20.79
C LYS B 94 15.99 13.79 21.20
N ARG B 95 15.67 12.80 20.36
CA ARG B 95 16.01 11.42 20.63
C ARG B 95 17.32 11.00 19.95
N GLY B 96 18.03 11.95 19.36
CA GLY B 96 19.35 11.74 18.78
C GLY B 96 19.45 10.72 17.65
N VAL B 97 18.60 10.85 16.62
CA VAL B 97 18.74 9.95 15.47
C VAL B 97 20.05 10.22 14.73
N GLY B 98 20.46 9.26 13.91
CA GLY B 98 21.70 9.44 13.17
C GLY B 98 21.57 10.40 12.01
N TYR B 99 20.40 10.44 11.38
CA TYR B 99 20.24 11.21 10.16
C TYR B 99 18.84 11.81 10.11
N LEU B 100 18.76 13.00 9.52
CA LEU B 100 17.50 13.63 9.10
C LEU B 100 17.51 13.64 7.58
N ASN B 101 16.49 13.03 6.98
CA ASN B 101 16.36 12.95 5.53
C ASN B 101 15.16 13.79 5.12
N ASP B 102 15.41 14.92 4.45
CA ASP B 102 14.38 15.89 4.14
C ASP B 102 14.31 16.08 2.63
N ILE B 103 13.21 15.60 2.02
CA ILE B 103 13.01 15.78 0.58
C ILE B 103 12.75 17.22 0.19
N GLN B 104 12.53 18.10 1.16
CA GLN B 104 12.43 19.53 0.87
C GLN B 104 13.76 20.24 1.08
N GLY B 105 14.79 19.53 1.54
CA GLY B 105 16.12 20.11 1.61
C GLY B 105 16.34 21.12 2.71
N PHE B 106 15.56 21.04 3.80
CA PHE B 106 15.69 21.92 4.95
C PHE B 106 15.55 23.38 4.54
N PRO B 107 14.36 23.81 4.10
CA PRO B 107 14.19 25.20 3.65
C PRO B 107 13.79 26.17 4.75
N ASP B 108 13.46 25.67 5.95
CA ASP B 108 13.00 26.51 7.06
C ASP B 108 14.16 26.82 7.99
N PRO B 109 14.71 28.03 7.97
CA PRO B 109 15.87 28.32 8.83
C PRO B 109 15.56 28.28 10.33
N ALA B 110 14.29 28.31 10.74
CA ALA B 110 13.98 28.24 12.16
C ALA B 110 14.51 26.96 12.81
N LEU B 111 14.80 25.95 12.01
CA LEU B 111 15.31 24.68 12.51
C LEU B 111 16.82 24.63 12.65
N TYR B 112 17.54 25.52 11.98
CA TYR B 112 18.99 25.36 11.88
C TYR B 112 19.69 25.40 13.24
N PRO B 113 19.38 26.33 14.15
CA PRO B 113 20.12 26.31 15.42
C PRO B 113 19.89 25.04 16.23
N ASP B 114 18.72 24.42 16.13
CA ASP B 114 18.52 23.14 16.79
C ASP B 114 19.34 22.03 16.12
N ILE B 115 19.44 22.06 14.79
CA ILE B 115 20.29 21.08 14.12
C ILE B 115 21.75 21.30 14.49
N ALA B 116 22.19 22.57 14.52
CA ALA B 116 23.59 22.88 14.79
C ALA B 116 24.06 22.34 16.14
N GLU B 117 23.16 22.28 17.13
CA GLU B 117 23.53 21.75 18.44
C GLU B 117 23.55 20.23 18.46
N ALA B 118 22.81 19.57 17.57
CA ALA B 118 22.84 18.13 17.50
C ALA B 118 24.10 17.67 16.78
N ASP B 119 24.31 16.35 16.72
CA ASP B 119 25.42 15.79 15.97
C ASP B 119 24.97 14.88 14.83
N CYS B 120 23.69 14.91 14.47
CA CYS B 120 23.21 14.09 13.37
C CYS B 120 23.75 14.59 12.04
N ARG B 121 23.70 13.73 11.03
CA ARG B 121 23.95 14.14 9.66
C ARG B 121 22.64 14.49 8.96
N LEU B 122 22.76 15.16 7.82
CA LEU B 122 21.61 15.64 7.08
C LEU B 122 21.69 15.18 5.65
N VAL B 123 20.61 14.60 5.15
CA VAL B 123 20.46 14.32 3.73
C VAL B 123 19.66 15.49 3.15
N VAL B 124 20.36 16.38 2.45
CA VAL B 124 19.77 17.56 1.85
C VAL B 124 19.39 17.19 0.41
N MET B 125 18.09 17.07 0.14
CA MET B 125 17.64 16.67 -1.18
C MET B 125 17.21 17.88 -1.99
N HIS B 126 17.62 17.91 -3.25
CA HIS B 126 17.16 18.89 -4.21
C HIS B 126 15.92 18.39 -4.94
N SER B 127 14.99 19.31 -5.21
CA SER B 127 13.74 18.95 -5.86
C SER B 127 13.34 20.05 -6.83
N ALA B 128 12.73 19.66 -7.95
CA ALA B 128 12.24 20.61 -8.94
C ALA B 128 10.98 21.34 -8.48
N GLN B 129 10.36 20.91 -7.38
CA GLN B 129 9.18 21.62 -6.89
C GLN B 129 9.51 23.04 -6.43
N ARG B 130 10.77 23.31 -6.11
CA ARG B 130 11.27 24.68 -5.94
C ARG B 130 12.80 24.71 -5.93
N GLY B 138 6.55 21.81 -12.95
CA GLY B 138 7.57 21.00 -12.32
C GLY B 138 8.46 20.25 -13.30
N HIS B 139 8.70 20.85 -14.47
CA HIS B 139 9.53 20.26 -15.50
C HIS B 139 10.90 20.93 -15.53
N LEU B 140 11.95 20.13 -15.47
CA LEU B 140 13.32 20.60 -15.54
C LEU B 140 14.05 19.80 -16.60
N ARG B 141 14.59 20.47 -17.62
CA ARG B 141 15.20 19.79 -18.75
C ARG B 141 16.61 19.31 -18.43
N PRO B 142 17.11 18.30 -19.16
CA PRO B 142 18.48 17.81 -18.90
C PRO B 142 19.54 18.88 -19.06
N GLU B 143 19.40 19.75 -20.06
CA GLU B 143 20.42 20.76 -20.29
C GLU B 143 20.49 21.76 -19.15
N ASP B 144 19.37 21.97 -18.45
CA ASP B 144 19.32 22.91 -17.34
C ASP B 144 19.51 22.24 -15.98
N ALA B 145 19.58 20.90 -15.94
CA ALA B 145 19.47 20.20 -14.66
C ALA B 145 20.72 20.41 -13.80
N LEU B 146 21.90 20.19 -14.37
CA LEU B 146 23.10 20.17 -13.54
C LEU B 146 23.42 21.55 -12.97
N ASP B 147 23.31 22.61 -13.78
CA ASP B 147 23.59 23.94 -13.27
C ASP B 147 22.59 24.34 -12.19
N GLU B 148 21.33 23.90 -12.33
CA GLU B 148 20.33 24.25 -11.31
C GLU B 148 20.63 23.53 -10.01
N ILE B 149 21.00 22.25 -10.07
CA ILE B 149 21.30 21.50 -8.86
C ILE B 149 22.46 22.13 -8.12
N VAL B 150 23.52 22.51 -8.85
CA VAL B 150 24.69 23.11 -8.22
C VAL B 150 24.33 24.45 -7.58
N ARG B 151 23.62 25.31 -8.31
CA ARG B 151 23.26 26.61 -7.75
C ARG B 151 22.32 26.45 -6.55
N PHE B 152 21.46 25.43 -6.57
CA PHE B 152 20.58 25.20 -5.44
C PHE B 152 21.38 24.87 -4.18
N PHE B 153 22.30 23.91 -4.30
CA PHE B 153 23.06 23.45 -3.14
C PHE B 153 24.03 24.53 -2.66
N GLU B 154 24.60 25.31 -3.57
CA GLU B 154 25.53 26.35 -3.15
C GLU B 154 24.84 27.34 -2.21
N ALA B 155 23.59 27.67 -2.49
CA ALA B 155 22.86 28.58 -1.60
C ALA B 155 22.41 27.88 -0.33
N ARG B 156 21.89 26.65 -0.45
CA ARG B 156 21.36 25.97 0.73
C ARG B 156 22.47 25.53 1.67
N VAL B 157 23.58 25.00 1.13
CA VAL B 157 24.69 24.57 1.97
C VAL B 157 25.28 25.76 2.72
N SER B 158 25.43 26.90 2.05
CA SER B 158 25.98 28.06 2.71
C SER B 158 25.06 28.55 3.83
N ALA B 159 23.74 28.43 3.64
CA ALA B 159 22.82 28.92 4.66
C ALA B 159 22.82 28.02 5.89
N LEU B 160 22.98 26.71 5.69
CA LEU B 160 23.10 25.80 6.82
C LEU B 160 24.39 26.07 7.59
N ARG B 161 25.49 26.23 6.87
CA ARG B 161 26.78 26.43 7.52
C ARG B 161 26.81 27.76 8.28
N ARG B 162 26.17 28.78 7.74
CA ARG B 162 26.20 30.09 8.40
C ARG B 162 25.35 30.10 9.67
N SER B 163 24.48 29.13 9.86
CA SER B 163 23.76 28.98 11.12
C SER B 163 24.40 27.94 12.03
N GLY B 164 25.60 27.45 11.69
CA GLY B 164 26.38 26.61 12.57
C GLY B 164 26.39 25.12 12.23
N VAL B 165 25.78 24.71 11.13
CA VAL B 165 25.76 23.30 10.74
C VAL B 165 27.01 23.04 9.90
N ALA B 166 27.94 22.26 10.44
CA ALA B 166 29.23 22.03 9.79
C ALA B 166 29.06 21.27 8.48
N ALA B 167 29.96 21.57 7.53
CA ALA B 167 29.88 20.99 6.19
C ALA B 167 30.08 19.48 6.21
N ASP B 168 30.91 18.96 7.10
CA ASP B 168 31.17 17.52 7.16
C ASP B 168 29.98 16.72 7.68
N ARG B 169 28.88 17.38 8.01
CA ARG B 169 27.66 16.70 8.44
C ARG B 169 26.66 16.54 7.30
N LEU B 170 26.96 17.05 6.11
CA LEU B 170 25.99 17.18 5.04
C LEU B 170 26.16 16.06 4.02
N ILE B 171 25.02 15.55 3.55
CA ILE B 171 24.96 14.58 2.46
C ILE B 171 23.95 15.12 1.44
N LEU B 172 24.39 15.28 0.20
CA LEU B 172 23.59 15.95 -0.82
C LEU B 172 22.96 14.92 -1.74
N ASP B 173 21.67 15.11 -2.03
CA ASP B 173 20.88 14.22 -2.88
C ASP B 173 20.34 15.05 -4.05
N PRO B 174 20.68 14.71 -5.30
CA PRO B 174 20.19 15.53 -6.43
C PRO B 174 18.69 15.39 -6.68
N GLY B 175 18.04 14.38 -6.12
CA GLY B 175 16.68 14.06 -6.51
C GLY B 175 16.64 13.18 -7.75
N MET B 176 15.58 12.40 -7.88
CA MET B 176 15.41 11.47 -9.00
C MET B 176 13.93 11.33 -9.31
N GLY B 177 13.64 10.87 -10.52
CA GLY B 177 12.26 10.61 -10.90
C GLY B 177 11.46 11.90 -10.98
N PHE B 178 10.24 11.86 -10.43
CA PHE B 178 9.34 13.00 -10.53
C PHE B 178 9.80 14.17 -9.66
N PHE B 179 10.74 13.98 -8.74
CA PHE B 179 11.32 15.11 -8.03
C PHE B 179 12.17 15.99 -8.96
N LEU B 180 12.53 15.49 -10.14
CA LEU B 180 13.30 16.23 -11.12
C LEU B 180 12.44 16.67 -12.29
N SER B 181 11.65 15.76 -12.85
CA SER B 181 10.82 16.02 -14.01
C SER B 181 9.88 14.85 -14.23
N PRO B 182 8.73 15.06 -14.86
CA PRO B 182 7.84 13.93 -15.18
C PRO B 182 8.39 13.04 -16.30
N ALA B 183 9.41 13.48 -17.01
CA ALA B 183 10.03 12.75 -18.09
C ALA B 183 11.29 12.04 -17.61
N PRO B 184 11.56 10.83 -18.11
CA PRO B 184 12.73 10.09 -17.64
C PRO B 184 14.06 10.73 -18.03
N GLU B 185 14.10 11.54 -19.09
CA GLU B 185 15.38 11.97 -19.67
C GLU B 185 16.23 12.72 -18.66
N THR B 186 15.61 13.52 -17.79
CA THR B 186 16.37 14.33 -16.86
C THR B 186 17.03 13.47 -15.77
N SER B 187 16.29 12.52 -15.20
CA SER B 187 16.91 11.57 -14.28
C SER B 187 18.02 10.78 -14.97
N LEU B 188 17.79 10.35 -16.22
CA LEU B 188 18.83 9.59 -16.91
C LEU B 188 20.07 10.44 -17.13
N HIS B 189 19.89 11.71 -17.53
CA HIS B 189 21.03 12.59 -17.75
C HIS B 189 21.78 12.86 -16.45
N VAL B 190 21.05 13.12 -15.37
CA VAL B 190 21.71 13.41 -14.10
C VAL B 190 22.45 12.18 -13.58
N LEU B 191 21.80 11.02 -13.61
CA LEU B 191 22.46 9.79 -13.15
C LEU B 191 23.65 9.47 -14.04
N SER B 192 23.48 9.57 -15.36
CA SER B 192 24.57 9.22 -16.27
C SER B 192 25.78 10.11 -16.06
N ASN B 193 25.59 11.33 -15.59
CA ASN B 193 26.71 12.25 -15.48
C ASN B 193 26.89 12.68 -14.02
N LEU B 194 26.66 11.73 -13.10
CA LEU B 194 26.74 11.98 -11.67
C LEU B 194 28.14 12.39 -11.21
N GLN B 195 29.19 11.93 -11.91
CA GLN B 195 30.55 12.21 -11.46
C GLN B 195 30.86 13.70 -11.48
N LYS B 196 30.46 14.41 -12.55
CA LYS B 196 30.68 15.85 -12.54
C LYS B 196 29.95 16.53 -11.40
N LEU B 197 28.74 16.08 -11.10
CA LEU B 197 28.01 16.64 -9.97
C LEU B 197 28.85 16.53 -8.70
N LYS B 198 29.36 15.33 -8.42
CA LYS B 198 30.11 15.10 -7.19
C LYS B 198 31.35 16.00 -7.13
N SER B 199 32.16 16.00 -8.20
CA SER B 199 33.39 16.79 -8.16
C SER B 199 33.09 18.28 -8.06
N ALA B 200 31.99 18.74 -8.67
CA ALA B 200 31.63 20.16 -8.58
C ALA B 200 31.14 20.52 -7.19
N LEU B 201 30.40 19.64 -6.55
CA LEU B 201 29.85 19.94 -5.23
C LEU B 201 30.84 19.66 -4.12
N GLY B 202 31.69 18.64 -4.29
CA GLY B 202 32.71 18.37 -3.29
C GLY B 202 32.21 17.85 -1.96
N LEU B 203 30.95 17.45 -1.87
CA LEU B 203 30.39 16.87 -0.66
C LEU B 203 29.91 15.46 -0.98
N PRO B 204 29.76 14.59 0.04
CA PRO B 204 29.24 13.25 -0.21
C PRO B 204 27.85 13.28 -0.81
N LEU B 205 27.54 12.23 -1.59
CA LEU B 205 26.35 12.18 -2.42
C LEU B 205 25.49 10.97 -2.07
N LEU B 206 24.18 11.18 -1.99
CA LEU B 206 23.21 10.11 -1.85
C LEU B 206 22.30 10.11 -3.05
N VAL B 207 21.93 8.93 -3.54
CA VAL B 207 20.90 8.81 -4.55
C VAL B 207 19.90 7.75 -4.10
N SER B 208 18.66 7.91 -4.54
CA SER B 208 17.59 6.95 -4.29
C SER B 208 16.87 6.76 -5.62
N VAL B 209 17.33 5.78 -6.41
CA VAL B 209 16.68 5.48 -7.68
C VAL B 209 15.66 4.35 -7.59
N SER B 210 15.69 3.56 -6.52
CA SER B 210 14.95 2.31 -6.43
C SER B 210 13.46 2.48 -6.76
N ARG B 211 12.99 1.75 -7.77
CA ARG B 211 11.58 1.65 -8.17
C ARG B 211 10.99 2.94 -8.73
N LYS B 212 11.77 4.00 -8.86
CA LYS B 212 11.26 5.29 -9.31
C LYS B 212 10.72 5.20 -10.75
N SER B 213 9.87 6.17 -11.08
CA SER B 213 9.17 6.22 -12.36
C SER B 213 10.12 6.11 -13.57
N PHE B 214 11.23 6.87 -13.56
CA PHE B 214 12.09 6.88 -14.74
C PHE B 214 12.70 5.50 -15.03
N LEU B 215 12.86 4.65 -14.02
CA LEU B 215 13.20 3.26 -14.31
C LEU B 215 12.05 2.54 -14.99
N GLY B 216 10.83 2.72 -14.48
CA GLY B 216 9.68 2.06 -15.08
C GLY B 216 9.50 2.41 -16.54
N ALA B 217 9.72 3.69 -16.88
CA ALA B 217 9.59 4.12 -18.26
C ALA B 217 10.74 3.64 -19.12
N THR B 218 11.92 3.43 -18.53
CA THR B 218 13.07 3.01 -19.32
C THR B 218 12.99 1.53 -19.69
N VAL B 219 12.54 0.67 -18.78
CA VAL B 219 12.49 -0.76 -19.05
C VAL B 219 11.08 -1.28 -19.31
N GLY B 220 10.05 -0.47 -19.08
CA GLY B 220 8.68 -0.87 -19.36
C GLY B 220 8.13 -1.94 -18.44
N LEU B 221 8.20 -1.72 -17.13
CA LEU B 221 7.83 -2.73 -16.16
C LEU B 221 7.13 -2.07 -14.98
N PRO B 222 6.16 -2.74 -14.36
CA PRO B 222 5.51 -2.18 -13.17
C PRO B 222 6.46 -2.12 -11.98
N VAL B 223 6.02 -1.36 -10.98
CA VAL B 223 6.89 -0.92 -9.88
C VAL B 223 7.53 -2.08 -9.11
N LYS B 224 6.91 -3.26 -9.09
CA LYS B 224 7.45 -4.37 -8.33
C LYS B 224 8.23 -5.36 -9.19
N ASP B 225 8.41 -5.06 -10.47
CA ASP B 225 9.35 -5.80 -11.32
C ASP B 225 10.64 -5.02 -11.56
N LEU B 226 10.89 -3.98 -10.76
CA LEU B 226 11.98 -3.06 -11.00
C LEU B 226 13.21 -3.34 -10.15
N GLY B 227 13.20 -4.43 -9.38
CA GLY B 227 14.35 -4.84 -8.61
C GLY B 227 15.63 -4.84 -9.42
N PRO B 228 15.65 -5.62 -10.51
CA PRO B 228 16.89 -5.69 -11.32
C PRO B 228 17.31 -4.36 -11.93
N ALA B 229 16.40 -3.64 -12.59
CA ALA B 229 16.75 -2.33 -13.14
C ALA B 229 17.28 -1.39 -12.06
N SER B 230 16.66 -1.44 -10.87
CA SER B 230 17.12 -0.60 -9.76
C SER B 230 18.54 -0.96 -9.36
N LEU B 231 18.83 -2.25 -9.26
CA LEU B 231 20.18 -2.67 -8.89
C LEU B 231 21.19 -2.18 -9.91
N ALA B 232 20.88 -2.30 -11.20
CA ALA B 232 21.77 -1.79 -12.24
C ALA B 232 22.00 -0.30 -12.09
N ALA B 233 20.91 0.46 -11.91
CA ALA B 233 21.02 1.90 -11.69
C ALA B 233 21.88 2.21 -10.48
N GLU B 234 21.65 1.49 -9.38
CA GLU B 234 22.41 1.69 -8.16
C GLU B 234 23.90 1.43 -8.36
N LEU B 235 24.24 0.34 -9.04
CA LEU B 235 25.64 -0.01 -9.27
C LEU B 235 26.34 1.04 -10.13
N HIS B 236 25.63 1.62 -11.10
CA HIS B 236 26.21 2.71 -11.87
C HIS B 236 26.43 3.93 -10.98
N ALA B 237 25.44 4.28 -10.15
CA ALA B 237 25.59 5.45 -9.29
C ALA B 237 26.81 5.32 -8.39
N ILE B 238 27.00 4.13 -7.82
CA ILE B 238 28.13 3.86 -6.94
C ILE B 238 29.46 4.02 -7.68
N GLY B 239 29.52 3.56 -8.92
CA GLY B 239 30.70 3.76 -9.72
C GLY B 239 30.90 5.18 -10.20
N ASN B 240 29.95 6.07 -9.93
CA ASN B 240 30.04 7.44 -10.42
C ASN B 240 29.90 8.45 -9.29
N GLY B 241 30.36 8.08 -8.08
CA GLY B 241 30.51 9.02 -6.99
C GLY B 241 29.49 8.95 -5.88
N ALA B 242 28.47 8.11 -5.98
CA ALA B 242 27.49 8.01 -4.90
C ALA B 242 28.12 7.30 -3.71
N ASP B 243 28.16 7.98 -2.55
CA ASP B 243 28.66 7.39 -1.32
C ASP B 243 27.57 6.73 -0.50
N TYR B 244 26.32 7.08 -0.77
CA TYR B 244 25.16 6.57 -0.06
C TYR B 244 24.11 6.18 -1.09
N VAL B 245 23.37 5.11 -0.81
CA VAL B 245 22.28 4.67 -1.68
C VAL B 245 21.08 4.28 -0.82
N ARG B 246 19.92 4.83 -1.15
CA ARG B 246 18.67 4.54 -0.46
C ARG B 246 17.86 3.59 -1.35
N THR B 247 17.55 2.40 -0.85
CA THR B 247 16.99 1.37 -1.72
C THR B 247 15.94 0.56 -0.97
N HIS B 248 15.03 -0.03 -1.74
CA HIS B 248 14.04 -0.96 -1.22
C HIS B 248 14.62 -2.34 -0.97
N ALA B 249 15.76 -2.68 -1.57
CA ALA B 249 16.36 -4.00 -1.46
C ALA B 249 17.80 -3.87 -0.95
N PRO B 250 17.96 -3.51 0.33
CA PRO B 250 19.33 -3.23 0.84
C PRO B 250 20.21 -4.46 0.96
N GLY B 251 19.67 -5.61 1.30
CA GLY B 251 20.50 -6.80 1.35
C GLY B 251 20.99 -7.21 -0.02
N ASP B 252 20.11 -7.12 -1.04
CA ASP B 252 20.52 -7.35 -2.41
C ASP B 252 21.68 -6.44 -2.80
N LEU B 253 21.52 -5.13 -2.57
CA LEU B 253 22.52 -4.17 -2.99
C LEU B 253 23.85 -4.40 -2.28
N ARG B 254 23.82 -4.62 -0.98
CA ARG B 254 25.07 -4.86 -0.25
C ARG B 254 25.80 -6.08 -0.80
N SER B 255 25.05 -7.12 -1.19
CA SER B 255 25.70 -8.30 -1.73
C SER B 255 26.31 -8.03 -3.10
N ALA B 256 25.66 -7.19 -3.92
CA ALA B 256 26.26 -6.82 -5.20
C ALA B 256 27.48 -5.92 -4.99
N ILE B 257 27.44 -5.02 -4.00
CA ILE B 257 28.59 -4.16 -3.73
C ILE B 257 29.78 -4.99 -3.28
N THR B 258 29.55 -5.91 -2.33
CA THR B 258 30.63 -6.80 -1.90
C THR B 258 31.24 -7.54 -3.09
N PHE B 259 30.41 -8.00 -4.01
CA PHE B 259 30.97 -8.70 -5.17
C PHE B 259 31.75 -7.74 -6.06
N SER B 260 31.23 -6.54 -6.27
CA SER B 260 31.91 -5.57 -7.13
C SER B 260 33.24 -5.16 -6.54
N GLU B 261 33.26 -4.85 -5.24
CA GLU B 261 34.50 -4.47 -4.58
C GLU B 261 35.52 -5.62 -4.60
N THR B 262 35.06 -6.86 -4.41
CA THR B 262 35.98 -7.99 -4.49
C THR B 262 36.52 -8.14 -5.90
N LEU B 263 35.66 -7.98 -6.91
CA LEU B 263 36.09 -8.15 -8.29
C LEU B 263 37.13 -7.12 -8.70
N ALA B 264 36.93 -5.86 -8.27
CA ALA B 264 37.86 -4.78 -8.61
C ALA B 264 39.27 -5.08 -8.14
N LYS B 265 39.42 -5.77 -7.01
CA LYS B 265 40.74 -6.12 -6.51
C LYS B 265 41.50 -7.04 -7.45
N PHE B 266 40.83 -7.69 -8.39
CA PHE B 266 41.48 -8.60 -9.33
C PHE B 266 41.79 -7.96 -10.68
N ARG B 267 41.47 -6.68 -10.86
CA ARG B 267 41.84 -5.98 -12.07
C ARG B 267 43.35 -5.75 -12.08
N SER B 268 44.00 -6.17 -13.16
CA SER B 268 45.46 -6.18 -13.25
C SER B 268 45.92 -5.08 -14.20
N ARG B 269 46.33 -3.94 -13.63
CA ARG B 269 47.02 -2.88 -14.37
C ARG B 269 46.27 -2.44 -15.62
N ASP B 270 47.03 -2.18 -16.68
CA ASP B 270 46.46 -1.72 -17.95
C ASP B 270 47.26 -2.24 -19.14
C7 HHR C . -13.47 -4.31 1.15
N8 HHR C . -14.61 -4.81 0.49
C9 HHR C . -15.33 -5.80 1.07
N1 HHR C . -16.40 -6.30 0.45
C2 HHR C . -17.17 -7.27 1.01
N2 HHR C . -18.26 -7.78 0.41
C10 HHR C . -14.94 -6.30 2.31
C4 HHR C . -15.70 -7.31 2.91
N3 HHR C . -16.82 -7.80 2.26
O4 HHR C . -15.41 -7.80 4.01
N5 HHR C . -13.86 -5.81 2.93
C6 HHR C . -13.09 -4.84 2.39
C6A HHR C . -11.95 -4.36 3.06
O6A HHR C . -11.33 -3.37 2.39
C1 GOL D . 3.30 -17.25 15.83
O1 GOL D . 3.46 -15.89 16.13
C2 GOL D . 4.71 -17.88 15.72
O2 GOL D . 4.66 -19.24 15.43
C3 GOL D . 5.44 -17.06 14.61
O3 GOL D . 6.61 -16.55 15.18
C1 GOL E . -7.05 -3.87 3.40
O1 GOL E . -7.24 -3.02 2.32
C2 GOL E . -7.72 -5.22 3.04
O2 GOL E . -7.36 -5.66 1.77
C3 GOL E . -7.27 -6.19 4.17
O3 GOL E . -8.38 -6.99 4.47
S SO4 F . -1.11 -15.98 19.99
O1 SO4 F . -1.74 -14.67 19.90
O2 SO4 F . -0.79 -16.46 18.66
O3 SO4 F . 0.11 -15.89 20.79
O4 SO4 F . -2.03 -16.92 20.63
S SO4 G . -8.28 -14.22 21.01
O1 SO4 G . -9.56 -13.51 21.05
O2 SO4 G . -7.19 -13.24 21.00
O3 SO4 G . -8.16 -15.07 22.19
O4 SO4 G . -8.22 -15.04 19.81
S SO4 H . -10.07 16.37 3.01
O1 SO4 H . -10.76 17.65 3.13
O2 SO4 H . -9.89 16.07 1.58
O3 SO4 H . -8.76 16.45 3.66
O4 SO4 H . -10.86 15.31 3.62
S SO4 I . -39.47 -12.32 -5.14
O1 SO4 I . -40.52 -11.33 -5.29
O2 SO4 I . -38.76 -12.46 -6.42
O3 SO4 I . -38.54 -11.89 -4.11
O4 SO4 I . -40.04 -13.62 -4.76
CL CL J . -4.07 -17.22 -5.66
CL CL K . -12.70 -6.33 -26.07
C7 HHR L . 10.98 9.29 -0.65
N8 HHR L . 12.09 9.76 0.09
C9 HHR L . 13.24 10.08 -0.57
N1 HHR L . 14.32 10.55 0.10
C2 HHR L . 15.46 10.89 -0.54
N2 HHR L . 16.54 11.34 0.12
C10 HHR L . 13.30 9.95 -1.96
C4 HHR L . 14.46 10.29 -2.63
N3 HHR L . 15.56 10.76 -1.91
O4 HHR L . 14.56 10.18 -3.85
N5 HHR L . 12.23 9.50 -2.64
C6 HHR L . 11.08 9.15 -2.03
C6A HHR L . 10.02 8.68 -2.80
O6A HHR L . 8.93 8.39 -2.08
C1 GOL M . 17.83 7.33 26.97
O1 GOL M . 17.23 8.59 26.85
C2 GOL M . 16.69 6.26 27.08
O2 GOL M . 16.05 6.05 25.86
C3 GOL M . 17.36 4.96 27.62
O3 GOL M . 16.34 4.03 27.86
C1 GOL N . 24.38 10.40 15.35
O1 GOL N . 24.33 9.60 16.52
C2 GOL N . 25.88 10.54 14.91
O2 GOL N . 26.62 9.40 15.17
C3 GOL N . 25.85 10.92 13.37
O3 GOL N . 25.91 9.75 12.59
C1 GOL O . 30.96 23.55 -3.18
O1 GOL O . 30.74 24.07 -4.46
C2 GOL O . 29.85 24.12 -2.25
O2 GOL O . 28.58 24.00 -2.79
C3 GOL O . 30.00 23.31 -0.94
O3 GOL O . 31.37 23.32 -0.62
C1 GOL P . 8.97 4.45 -4.24
O1 GOL P . 8.53 4.20 -5.54
C2 GOL P . 7.79 4.09 -3.30
O2 GOL P . 8.19 3.96 -1.97
C3 GOL P . 6.75 5.23 -3.50
O3 GOL P . 5.66 4.95 -2.68
CL CL Q . 34.43 10.66 -6.48
CL CL R . 32.34 24.43 8.67
CL CL S . 5.77 14.27 -6.12
#